data_6W7G
#
_entry.id   6W7G
#
_cell.length_a   57.780
_cell.length_b   85.091
_cell.length_c   91.734
_cell.angle_alpha   90.000
_cell.angle_beta   90.000
_cell.angle_gamma   90.000
#
_symmetry.space_group_name_H-M   'P 21 21 21'
#
loop_
_entity.id
_entity.type
_entity.pdbx_description
1 polymer 'Polycomb protein EED'
2 non-polymer 8-(2,6-dimethylpyridin-3-yl)-N-[(5-fluoro-2,3-dihydro-1-benzofuran-4-yl)methyl]-1-(methylsulfonyl)imidazo[1,5-c]pyrimidin-5-amine
3 non-polymer 'SODIUM ION'
4 non-polymer 'FORMIC ACID'
5 water water
#
_entity_poly.entity_id   1
_entity_poly.type   'polypeptide(L)'
_entity_poly.pdbx_seq_one_letter_code
;SNAKCKYSFKCVNSLKEDHNQPLFGVQFNWHSKEGDPLVFATVGSNRVTLYECHSQGEIRLLQSYVDADADENFYTCAWT
YDSNTSHPLLAVAGSRGIIRIINPITMQCIKHYVGHGNAINELKFHPRDPNLLLSVSKDHALRLWNIQTDTLVAIFGGVE
GHRDEVLSADYDLLGEKIMSCGMDHSLKLWRINSKRMMNAIKESYDYNPNKTNRPFISQKIHFPDFSTRDIHRNYVDCVR
WLGDLILSKSCENAIVCWKPGKMEDDIDKIKPSESNVTILGRFDYSQCDIWYMRFSTDFWQKMLALGNQVGKLYVWDLEV
EDPHKAKCTTLTHHKCGAAIRQTSFSRDSSILIAVCDDASIWRWDRLR
;
_entity_poly.pdbx_strand_id   A
#
loop_
_chem_comp.id
_chem_comp.type
_chem_comp.name
_chem_comp.formula
FMT non-polymer 'FORMIC ACID' 'C H2 O2'
NA non-polymer 'SODIUM ION' 'Na 1'
Q3A non-polymer 8-(2,6-dimethylpyridin-3-yl)-N-[(5-fluoro-2,3-dihydro-1-benzofuran-4-yl)methyl]-1-(methylsulfonyl)imidazo[1,5-c]pyrimidin-5-amine 'C23 H22 F N5 O3 S'
#
# COMPACT_ATOMS: atom_id res chain seq x y z
N SER A 8 14.19 17.27 13.60
CA SER A 8 12.92 17.65 12.98
C SER A 8 13.05 17.75 11.45
N PHE A 9 11.91 17.75 10.75
CA PHE A 9 11.90 17.83 9.28
C PHE A 9 11.94 19.25 8.76
N LYS A 10 12.71 19.45 7.66
CA LYS A 10 12.87 20.71 6.93
C LYS A 10 12.65 20.46 5.44
N CYS A 11 11.89 21.34 4.76
CA CYS A 11 11.65 21.18 3.35
C CYS A 11 12.88 21.64 2.59
N VAL A 12 13.52 20.72 1.86
CA VAL A 12 14.77 21.04 1.19
C VAL A 12 14.59 21.19 -0.32
N ASN A 13 13.54 20.59 -0.91
CA ASN A 13 13.34 20.71 -2.37
C ASN A 13 11.94 20.35 -2.78
N SER A 14 11.58 20.73 -4.01
CA SER A 14 10.29 20.42 -4.62
C SER A 14 10.50 20.33 -6.12
N LEU A 15 9.64 19.60 -6.80
CA LEU A 15 9.72 19.31 -8.23
C LEU A 15 8.30 19.22 -8.75
N LYS A 16 8.08 19.37 -10.06
CA LYS A 16 6.76 19.15 -10.65
C LYS A 16 6.93 18.28 -11.90
N GLU A 17 6.09 17.25 -12.07
CA GLU A 17 6.14 16.39 -13.27
C GLU A 17 5.40 17.08 -14.43
N ASP A 18 5.90 16.90 -15.66
CA ASP A 18 5.43 17.56 -16.89
C ASP A 18 3.98 17.23 -17.31
N HIS A 19 3.39 16.10 -16.84
CA HIS A 19 2.02 15.73 -17.20
C HIS A 19 0.97 16.63 -16.51
N ASN A 20 1.35 17.30 -15.39
CA ASN A 20 0.50 18.19 -14.58
C ASN A 20 -0.77 17.49 -14.07
N GLN A 21 -0.75 16.15 -13.99
CA GLN A 21 -1.87 15.36 -13.50
C GLN A 21 -1.58 14.95 -12.06
N PRO A 22 -2.58 14.52 -11.25
CA PRO A 22 -2.26 14.13 -9.87
C PRO A 22 -1.27 12.97 -9.78
N LEU A 23 -0.42 13.04 -8.77
CA LEU A 23 0.45 11.93 -8.40
C LEU A 23 -0.31 11.19 -7.31
N PHE A 24 -0.64 9.91 -7.55
CA PHE A 24 -1.45 9.16 -6.58
C PHE A 24 -0.63 8.22 -5.71
N GLY A 25 0.64 8.00 -6.07
CA GLY A 25 1.45 7.08 -5.30
C GLY A 25 2.91 7.46 -5.30
N VAL A 26 3.57 7.10 -4.19
CA VAL A 26 5.01 7.33 -4.00
C VAL A 26 5.55 6.26 -3.07
N GLN A 27 6.67 5.63 -3.47
CA GLN A 27 7.30 4.62 -2.64
C GLN A 27 8.80 4.69 -2.75
N PHE A 28 9.49 4.79 -1.61
CA PHE A 28 10.94 4.59 -1.55
C PHE A 28 11.20 3.13 -1.74
N ASN A 29 12.34 2.81 -2.35
CA ASN A 29 12.76 1.42 -2.49
C ASN A 29 13.46 1.04 -1.20
N TRP A 30 12.79 0.28 -0.31
CA TRP A 30 13.43 -0.10 0.95
C TRP A 30 14.39 -1.29 0.75
N HIS A 31 14.51 -1.80 -0.49
CA HIS A 31 15.45 -2.90 -0.81
C HIS A 31 16.71 -2.39 -1.52
N SER A 32 16.95 -1.04 -1.56
CA SER A 32 18.14 -0.46 -2.21
C SER A 32 19.41 -0.88 -1.45
N LYS A 33 20.47 -1.26 -2.18
CA LYS A 33 21.73 -1.77 -1.61
C LYS A 33 22.53 -0.71 -0.83
N GLU A 34 23.35 -1.17 0.14
CA GLU A 34 24.18 -0.27 0.94
C GLU A 34 25.17 0.51 0.07
N GLY A 35 25.38 1.78 0.39
CA GLY A 35 26.26 2.65 -0.38
C GLY A 35 25.60 3.30 -1.60
N ASP A 36 24.44 2.76 -2.05
CA ASP A 36 23.68 3.31 -3.18
C ASP A 36 22.78 4.44 -2.71
N PRO A 37 22.56 5.49 -3.55
CA PRO A 37 21.67 6.58 -3.10
C PRO A 37 20.24 6.09 -2.91
N LEU A 38 19.47 6.82 -2.13
CA LEU A 38 18.08 6.48 -1.88
C LEU A 38 17.27 6.73 -3.15
N VAL A 39 16.39 5.80 -3.50
CA VAL A 39 15.59 5.93 -4.72
C VAL A 39 14.10 5.83 -4.37
N PHE A 40 13.26 6.61 -5.05
CA PHE A 40 11.82 6.48 -4.87
C PHE A 40 11.13 6.50 -6.22
N ALA A 41 9.95 5.89 -6.27
CA ALA A 41 9.13 5.91 -7.48
C ALA A 41 7.88 6.72 -7.23
N THR A 42 7.38 7.37 -8.27
CA THR A 42 6.10 8.10 -8.22
C THR A 42 5.22 7.52 -9.29
N VAL A 43 3.91 7.58 -9.09
CA VAL A 43 2.96 7.12 -10.13
C VAL A 43 1.87 8.17 -10.27
N GLY A 44 1.51 8.45 -11.49
CA GLY A 44 0.48 9.43 -11.82
C GLY A 44 0.33 9.46 -13.32
N SER A 45 -0.80 9.98 -13.82
CA SER A 45 -1.09 9.94 -15.25
C SER A 45 -0.88 8.46 -15.72
N ASN A 46 -0.27 8.20 -16.89
CA ASN A 46 0.00 6.84 -17.38
C ASN A 46 1.50 6.52 -17.23
N ARG A 47 2.11 7.05 -16.17
CA ARG A 47 3.54 7.00 -15.97
C ARG A 47 3.97 6.53 -14.61
N VAL A 48 5.20 6.00 -14.55
CA VAL A 48 5.95 5.67 -13.34
C VAL A 48 7.31 6.33 -13.52
N THR A 49 7.78 7.07 -12.52
CA THR A 49 9.09 7.76 -12.62
C THR A 49 9.97 7.46 -11.44
N LEU A 50 11.28 7.25 -11.68
CA LEU A 50 12.23 7.02 -10.60
C LEU A 50 13.10 8.22 -10.39
N TYR A 51 13.41 8.51 -9.11
CA TYR A 51 14.28 9.60 -8.71
C TYR A 51 15.26 9.10 -7.69
N GLU A 52 16.41 9.77 -7.62
CA GLU A 52 17.45 9.49 -6.64
C GLU A 52 17.64 10.70 -5.75
N CYS A 53 17.72 10.49 -4.41
CA CYS A 53 17.92 11.60 -3.48
C CYS A 53 19.39 11.82 -3.29
N HIS A 54 19.81 13.08 -3.42
CA HIS A 54 21.22 13.43 -3.23
C HIS A 54 21.38 14.52 -2.20
N SER A 55 22.65 14.87 -1.89
CA SER A 55 22.96 15.92 -0.91
C SER A 55 22.47 17.28 -1.40
N GLN A 56 22.36 18.27 -0.47
CA GLN A 56 21.88 19.63 -0.74
C GLN A 56 20.47 19.60 -1.29
N GLY A 57 19.71 18.58 -0.87
CA GLY A 57 18.32 18.36 -1.27
C GLY A 57 18.10 18.02 -2.72
N GLU A 58 19.17 17.67 -3.48
CA GLU A 58 18.99 17.35 -4.90
C GLU A 58 18.09 16.11 -5.09
N ILE A 59 17.14 16.20 -6.02
CA ILE A 59 16.26 15.10 -6.45
C ILE A 59 16.65 14.88 -7.90
N ARG A 60 17.40 13.82 -8.17
CA ARG A 60 17.89 13.55 -9.52
C ARG A 60 16.91 12.68 -10.30
N LEU A 61 16.42 13.19 -11.46
CA LEU A 61 15.49 12.46 -12.34
C LEU A 61 16.21 11.35 -13.09
N LEU A 62 15.64 10.14 -13.06
CA LEU A 62 16.31 9.04 -13.76
C LEU A 62 15.58 8.72 -15.05
N GLN A 63 14.53 7.91 -14.97
CA GLN A 63 13.82 7.45 -16.15
C GLN A 63 12.41 7.06 -15.79
N SER A 64 11.52 7.14 -16.76
CA SER A 64 10.11 6.77 -16.61
C SER A 64 9.74 5.57 -17.44
N TYR A 65 8.65 4.92 -17.04
CA TYR A 65 7.95 3.94 -17.85
C TYR A 65 6.66 4.67 -18.22
N VAL A 66 6.34 4.77 -19.52
CA VAL A 66 5.12 5.43 -19.96
C VAL A 66 4.24 4.38 -20.63
N ASP A 67 2.99 4.18 -20.15
CA ASP A 67 2.15 3.14 -20.71
C ASP A 67 1.80 3.47 -22.16
N ALA A 68 1.73 2.46 -23.02
CA ALA A 68 1.34 2.64 -24.43
C ALA A 68 -0.10 3.18 -24.55
N ASP A 69 -0.95 2.90 -23.55
CA ASP A 69 -2.32 3.41 -23.52
C ASP A 69 -2.33 4.77 -22.82
N ALA A 70 -2.59 5.84 -23.58
CA ALA A 70 -2.64 7.20 -23.02
C ALA A 70 -3.80 7.34 -22.00
N ASP A 71 -4.78 6.40 -21.99
CA ASP A 71 -5.92 6.38 -21.07
C ASP A 71 -5.61 5.61 -19.78
N GLU A 72 -4.43 4.97 -19.67
CA GLU A 72 -4.08 4.28 -18.43
C GLU A 72 -3.85 5.32 -17.32
N ASN A 73 -4.22 5.01 -16.07
CA ASN A 73 -3.95 5.88 -14.95
C ASN A 73 -3.41 5.00 -13.84
N PHE A 74 -2.12 5.10 -13.56
CA PHE A 74 -1.54 4.28 -12.50
C PHE A 74 -1.95 4.82 -11.17
N TYR A 75 -2.39 3.92 -10.28
CA TYR A 75 -2.85 4.30 -8.96
C TYR A 75 -1.94 3.86 -7.83
N THR A 76 -1.07 2.88 -8.09
CA THR A 76 -0.29 2.28 -7.03
C THR A 76 0.99 1.68 -7.56
N CYS A 77 1.96 1.53 -6.69
CA CYS A 77 3.22 0.88 -7.03
C CYS A 77 3.79 0.24 -5.75
N ALA A 78 4.63 -0.80 -5.91
CA ALA A 78 5.23 -1.51 -4.77
C ALA A 78 6.53 -2.14 -5.22
N TRP A 79 7.53 -2.09 -4.37
CA TRP A 79 8.84 -2.64 -4.72
C TRP A 79 8.99 -4.04 -4.23
N THR A 80 9.77 -4.85 -4.96
CA THR A 80 10.19 -6.18 -4.50
C THR A 80 11.61 -6.35 -5.07
N TYR A 81 12.11 -7.57 -5.13
CA TYR A 81 13.39 -7.83 -5.77
C TYR A 81 13.31 -9.20 -6.44
N ASP A 82 14.13 -9.40 -7.46
CA ASP A 82 14.25 -10.65 -8.20
C ASP A 82 14.75 -11.71 -7.25
N SER A 83 14.03 -12.83 -7.13
CA SER A 83 14.31 -13.87 -6.13
C SER A 83 15.61 -14.66 -6.37
N ASN A 84 16.26 -14.49 -7.52
CA ASN A 84 17.52 -15.18 -7.78
C ASN A 84 18.69 -14.23 -7.80
N THR A 85 18.51 -12.99 -8.36
CA THR A 85 19.61 -12.04 -8.54
C THR A 85 19.69 -10.93 -7.48
N SER A 86 18.60 -10.71 -6.68
CA SER A 86 18.47 -9.69 -5.63
C SER A 86 18.24 -8.31 -6.21
N HIS A 87 18.17 -8.18 -7.54
CA HIS A 87 17.97 -6.85 -8.12
C HIS A 87 16.54 -6.38 -7.87
N PRO A 88 16.36 -5.11 -7.50
CA PRO A 88 15.00 -4.58 -7.25
C PRO A 88 14.10 -4.63 -8.49
N LEU A 89 12.80 -4.80 -8.23
CA LEU A 89 11.73 -4.86 -9.22
C LEU A 89 10.63 -3.94 -8.75
N LEU A 90 9.87 -3.38 -9.65
CA LEU A 90 8.78 -2.50 -9.25
C LEU A 90 7.47 -2.94 -9.90
N ALA A 91 6.40 -3.09 -9.11
CA ALA A 91 5.11 -3.44 -9.68
C ALA A 91 4.25 -2.22 -9.71
N VAL A 92 3.48 -2.02 -10.80
CA VAL A 92 2.58 -0.88 -10.90
C VAL A 92 1.23 -1.36 -11.42
N ALA A 93 0.14 -0.64 -11.09
CA ALA A 93 -1.19 -0.96 -11.64
C ALA A 93 -2.11 0.24 -11.49
N GLY A 94 -3.24 0.20 -12.16
CA GLY A 94 -4.20 1.27 -11.99
C GLY A 94 -5.50 0.98 -12.72
N SER A 95 -6.05 2.00 -13.40
CA SER A 95 -7.36 1.94 -14.06
C SER A 95 -7.53 0.80 -15.05
N ARG A 96 -6.50 0.42 -15.82
CA ARG A 96 -6.68 -0.67 -16.80
C ARG A 96 -6.81 -2.05 -16.16
N GLY A 97 -6.44 -2.21 -14.87
CA GLY A 97 -6.52 -3.49 -14.19
C GLY A 97 -5.42 -4.44 -14.61
N ILE A 98 -4.31 -3.88 -15.08
CA ILE A 98 -3.15 -4.65 -15.53
C ILE A 98 -2.02 -4.44 -14.56
N ILE A 99 -1.40 -5.55 -14.12
CA ILE A 99 -0.24 -5.46 -13.25
C ILE A 99 0.99 -5.52 -14.13
N ARG A 100 1.88 -4.54 -13.99
CA ARG A 100 3.14 -4.55 -14.73
C ARG A 100 4.27 -4.70 -13.75
N ILE A 101 5.21 -5.59 -14.08
CA ILE A 101 6.45 -5.81 -13.35
C ILE A 101 7.51 -5.12 -14.19
N ILE A 102 8.11 -4.09 -13.62
CA ILE A 102 9.08 -3.26 -14.31
C ILE A 102 10.47 -3.46 -13.75
N ASN A 103 11.47 -3.57 -14.65
CA ASN A 103 12.88 -3.60 -14.27
C ASN A 103 13.26 -2.16 -14.02
N PRO A 104 13.51 -1.70 -12.79
CA PRO A 104 13.74 -0.26 -12.59
C PRO A 104 15.02 0.26 -13.23
N ILE A 105 15.95 -0.61 -13.60
CA ILE A 105 17.23 -0.17 -14.20
C ILE A 105 16.97 0.42 -15.56
N THR A 106 16.29 -0.33 -16.40
CA THR A 106 16.02 0.03 -17.79
C THR A 106 14.62 0.58 -17.99
N MET A 107 13.77 0.40 -16.97
CA MET A 107 12.33 0.73 -16.98
C MET A 107 11.60 -0.14 -18.00
N GLN A 108 12.13 -1.32 -18.33
CA GLN A 108 11.40 -2.23 -19.21
C GLN A 108 10.28 -2.93 -18.46
N CYS A 109 9.17 -3.16 -19.13
CA CYS A 109 8.13 -3.99 -18.55
C CYS A 109 8.56 -5.45 -18.82
N ILE A 110 8.82 -6.22 -17.77
CA ILE A 110 9.35 -7.56 -18.00
C ILE A 110 8.23 -8.59 -18.00
N LYS A 111 7.08 -8.27 -17.39
CA LYS A 111 5.89 -9.10 -17.50
C LYS A 111 4.70 -8.34 -17.02
N HIS A 112 3.54 -8.70 -17.55
CA HIS A 112 2.29 -8.05 -17.16
C HIS A 112 1.24 -9.12 -16.95
N TYR A 113 0.35 -8.90 -15.97
CA TYR A 113 -0.74 -9.82 -15.64
C TYR A 113 -2.06 -9.09 -15.86
N VAL A 114 -3.02 -9.70 -16.58
CA VAL A 114 -4.34 -9.06 -16.61
C VAL A 114 -4.88 -9.51 -15.29
N GLY A 115 -4.69 -8.62 -14.31
CA GLY A 115 -5.02 -8.85 -12.91
C GLY A 115 -6.49 -9.02 -12.61
N HIS A 116 -7.30 -8.04 -13.01
CA HIS A 116 -8.72 -8.04 -12.64
C HIS A 116 -9.52 -7.51 -13.83
N GLY A 117 -10.84 -7.65 -13.75
CA GLY A 117 -11.78 -7.14 -14.75
C GLY A 117 -12.15 -5.69 -14.45
N ASN A 118 -11.39 -5.03 -13.55
CA ASN A 118 -11.62 -3.63 -13.20
C ASN A 118 -10.34 -3.04 -12.59
N ALA A 119 -10.34 -1.74 -12.35
CA ALA A 119 -9.17 -1.04 -11.85
C ALA A 119 -8.57 -1.69 -10.59
N ILE A 120 -7.25 -1.55 -10.46
CA ILE A 120 -6.55 -2.01 -9.27
C ILE A 120 -6.22 -0.76 -8.45
N ASN A 121 -6.66 -0.72 -7.18
CA ASN A 121 -6.45 0.41 -6.28
C ASN A 121 -5.15 0.31 -5.48
N GLU A 122 -4.67 -0.92 -5.22
CA GLU A 122 -3.44 -1.06 -4.41
C GLU A 122 -2.72 -2.36 -4.71
N LEU A 123 -1.40 -2.32 -4.59
CA LEU A 123 -0.50 -3.46 -4.68
C LEU A 123 0.35 -3.52 -3.42
N LYS A 124 0.57 -4.72 -2.87
CA LYS A 124 1.42 -4.90 -1.70
C LYS A 124 2.20 -6.18 -1.87
N PHE A 125 3.51 -6.20 -1.57
CA PHE A 125 4.26 -7.45 -1.57
C PHE A 125 4.31 -8.02 -0.18
N HIS A 126 4.29 -9.36 -0.11
CA HIS A 126 4.34 -10.12 1.14
C HIS A 126 5.59 -9.68 1.94
N PRO A 127 5.51 -9.41 3.26
CA PRO A 127 6.71 -8.94 3.99
C PRO A 127 7.88 -9.94 4.10
N ARG A 128 7.62 -11.25 3.91
CA ARG A 128 8.68 -12.27 4.03
CA ARG A 128 8.67 -12.27 4.03
C ARG A 128 8.90 -13.06 2.74
N ASP A 129 8.12 -12.78 1.69
CA ASP A 129 8.27 -13.54 0.44
C ASP A 129 8.13 -12.57 -0.70
N PRO A 130 9.25 -12.29 -1.42
CA PRO A 130 9.23 -11.27 -2.47
C PRO A 130 8.46 -11.66 -3.71
N ASN A 131 8.07 -12.93 -3.81
CA ASN A 131 7.35 -13.43 -4.97
C ASN A 131 5.84 -13.26 -4.84
N LEU A 132 5.30 -12.94 -3.63
CA LEU A 132 3.86 -12.94 -3.46
C LEU A 132 3.32 -11.53 -3.47
N LEU A 133 2.50 -11.24 -4.48
CA LEU A 133 1.96 -9.91 -4.68
C LEU A 133 0.45 -9.91 -4.48
N LEU A 134 -0.03 -8.96 -3.68
CA LEU A 134 -1.46 -8.83 -3.44
C LEU A 134 -1.99 -7.63 -4.20
N SER A 135 -3.10 -7.79 -4.93
CA SER A 135 -3.73 -6.67 -5.64
C SER A 135 -5.12 -6.51 -5.08
N VAL A 136 -5.63 -5.29 -4.98
CA VAL A 136 -7.01 -5.06 -4.49
C VAL A 136 -7.74 -4.29 -5.59
N SER A 137 -8.98 -4.64 -5.85
CA SER A 137 -9.64 -4.10 -7.03
C SER A 137 -11.05 -3.56 -6.83
N LYS A 138 -11.47 -2.76 -7.83
CA LYS A 138 -12.83 -2.23 -7.97
C LYS A 138 -13.81 -3.36 -8.27
N ASP A 139 -13.31 -4.59 -8.60
CA ASP A 139 -14.23 -5.73 -8.84
C ASP A 139 -14.67 -6.36 -7.52
N HIS A 140 -14.34 -5.75 -6.36
CA HIS A 140 -14.73 -6.19 -5.00
C HIS A 140 -13.85 -7.31 -4.46
N ALA A 141 -12.77 -7.62 -5.14
CA ALA A 141 -11.95 -8.73 -4.69
C ALA A 141 -10.50 -8.32 -4.45
N LEU A 142 -9.78 -9.20 -3.75
CA LEU A 142 -8.33 -9.18 -3.60
C LEU A 142 -7.81 -10.39 -4.36
N ARG A 143 -6.61 -10.29 -4.92
CA ARG A 143 -5.99 -11.45 -5.58
C ARG A 143 -4.56 -11.58 -5.10
N LEU A 144 -4.12 -12.80 -4.84
CA LEU A 144 -2.73 -13.10 -4.43
C LEU A 144 -2.05 -13.82 -5.59
N TRP A 145 -0.96 -13.24 -6.08
CA TRP A 145 -0.19 -13.75 -7.23
C TRP A 145 1.15 -14.25 -6.79
N ASN A 146 1.65 -15.28 -7.49
CA ASN A 146 3.02 -15.73 -7.31
C ASN A 146 3.74 -15.29 -8.60
N ILE A 147 4.55 -14.24 -8.52
CA ILE A 147 5.20 -13.70 -9.72
C ILE A 147 6.45 -14.51 -10.11
N GLN A 148 6.79 -15.53 -9.34
CA GLN A 148 7.89 -16.42 -9.74
C GLN A 148 7.34 -17.43 -10.75
N THR A 149 6.17 -18.04 -10.48
CA THR A 149 5.60 -19.05 -11.38
C THR A 149 4.44 -18.51 -12.23
N ASP A 150 4.15 -17.18 -12.14
CA ASP A 150 3.09 -16.50 -12.90
C ASP A 150 1.73 -17.15 -12.63
N THR A 151 1.42 -17.39 -11.37
CA THR A 151 0.16 -18.05 -11.03
C THR A 151 -0.70 -17.17 -10.17
N LEU A 152 -2.02 -17.35 -10.26
CA LEU A 152 -2.96 -16.70 -9.37
C LEU A 152 -3.18 -17.70 -8.25
N VAL A 153 -2.62 -17.42 -7.08
CA VAL A 153 -2.73 -18.33 -5.92
C VAL A 153 -4.15 -18.36 -5.37
N ALA A 154 -4.74 -17.18 -5.15
CA ALA A 154 -6.06 -17.09 -4.50
C ALA A 154 -6.78 -15.80 -4.83
N ILE A 155 -8.12 -15.88 -4.81
CA ILE A 155 -9.08 -14.79 -4.95
C ILE A 155 -9.79 -14.68 -3.62
N PHE A 156 -9.80 -13.46 -3.02
CA PHE A 156 -10.47 -13.18 -1.75
C PHE A 156 -11.68 -12.36 -2.07
N GLY A 157 -12.80 -13.02 -2.12
CA GLY A 157 -14.01 -12.33 -2.50
C GLY A 157 -15.02 -13.39 -2.81
N GLY A 158 -16.25 -12.94 -2.94
CA GLY A 158 -17.34 -13.84 -3.20
C GLY A 158 -18.52 -13.53 -2.31
N VAL A 159 -19.21 -14.58 -1.94
CA VAL A 159 -20.49 -14.54 -1.25
C VAL A 159 -20.41 -13.82 0.13
N GLU A 160 -19.26 -13.81 0.84
CA GLU A 160 -19.18 -13.00 2.07
C GLU A 160 -17.95 -12.04 2.02
N GLY A 161 -17.47 -11.77 0.81
CA GLY A 161 -16.35 -10.86 0.61
C GLY A 161 -16.85 -9.43 0.60
N HIS A 162 -15.98 -8.49 0.14
CA HIS A 162 -16.41 -7.09 0.05
C HIS A 162 -17.62 -6.98 -0.90
N ARG A 163 -18.54 -6.02 -0.61
CA ARG A 163 -19.75 -5.84 -1.42
C ARG A 163 -19.64 -4.64 -2.34
N ASP A 164 -18.47 -3.97 -2.36
CA ASP A 164 -18.22 -2.81 -3.19
C ASP A 164 -16.70 -2.73 -3.41
N GLU A 165 -16.24 -1.72 -4.16
CA GLU A 165 -14.82 -1.53 -4.55
C GLU A 165 -13.88 -1.65 -3.36
N VAL A 166 -12.80 -2.43 -3.50
CA VAL A 166 -11.80 -2.56 -2.38
C VAL A 166 -10.76 -1.48 -2.63
N LEU A 167 -10.41 -0.72 -1.58
CA LEU A 167 -9.53 0.43 -1.75
C LEU A 167 -8.15 0.21 -1.21
N SER A 168 -8.00 -0.65 -0.19
CA SER A 168 -6.69 -0.83 0.40
C SER A 168 -6.58 -2.18 1.07
N ALA A 169 -5.35 -2.67 1.28
CA ALA A 169 -5.14 -3.89 2.07
C ALA A 169 -3.73 -3.90 2.60
N ASP A 170 -3.47 -4.68 3.65
CA ASP A 170 -2.14 -4.75 4.23
C ASP A 170 -1.91 -6.09 4.86
N TYR A 171 -0.69 -6.59 4.76
CA TYR A 171 -0.29 -7.82 5.44
C TYR A 171 0.14 -7.45 6.85
N ASP A 172 -0.02 -8.36 7.82
CA ASP A 172 0.53 -8.13 9.15
C ASP A 172 2.05 -8.33 9.07
N LEU A 173 2.76 -8.13 10.17
CA LEU A 173 4.22 -8.25 10.17
C LEU A 173 4.72 -9.58 9.65
N LEU A 174 4.13 -10.67 10.12
CA LEU A 174 4.55 -12.03 9.76
C LEU A 174 4.05 -12.46 8.37
N GLY A 175 3.11 -11.72 7.81
CA GLY A 175 2.49 -12.08 6.53
C GLY A 175 1.62 -13.32 6.68
N GLU A 176 1.02 -13.50 7.86
CA GLU A 176 0.11 -14.63 8.15
C GLU A 176 -1.33 -14.23 7.84
N LYS A 177 -1.59 -12.91 7.74
CA LYS A 177 -2.95 -12.45 7.52
C LYS A 177 -2.97 -11.10 6.84
N ILE A 178 -4.12 -10.81 6.22
CA ILE A 178 -4.37 -9.59 5.50
C ILE A 178 -5.58 -8.89 6.08
N MET A 179 -5.52 -7.57 6.14
CA MET A 179 -6.73 -6.76 6.47
C MET A 179 -7.01 -5.93 5.24
N SER A 180 -8.27 -5.96 4.74
CA SER A 180 -8.64 -5.19 3.55
C SER A 180 -9.76 -4.24 3.92
N CYS A 181 -10.00 -3.22 3.11
CA CYS A 181 -11.06 -2.26 3.40
C CYS A 181 -11.58 -1.62 2.13
N GLY A 182 -12.78 -1.06 2.17
CA GLY A 182 -13.21 -0.39 0.94
C GLY A 182 -14.51 0.39 1.02
N MET A 183 -15.17 0.49 -0.12
CA MET A 183 -16.38 1.32 -0.29
C MET A 183 -17.60 0.82 0.45
N ASP A 184 -17.60 -0.45 0.93
CA ASP A 184 -18.74 -0.97 1.68
C ASP A 184 -18.63 -0.62 3.17
N HIS A 185 -17.66 0.26 3.54
CA HIS A 185 -17.38 0.75 4.90
C HIS A 185 -16.78 -0.33 5.78
N SER A 186 -16.45 -1.52 5.21
CA SER A 186 -15.99 -2.60 6.06
C SER A 186 -14.50 -2.84 6.00
N LEU A 187 -13.99 -3.44 7.07
CA LEU A 187 -12.63 -3.91 7.21
C LEU A 187 -12.73 -5.41 7.39
N LYS A 188 -12.05 -6.18 6.54
CA LYS A 188 -12.16 -7.64 6.59
C LYS A 188 -10.80 -8.29 6.74
N LEU A 189 -10.72 -9.33 7.58
CA LEU A 189 -9.50 -10.08 7.86
C LEU A 189 -9.49 -11.37 7.03
N TRP A 190 -8.35 -11.73 6.43
CA TRP A 190 -8.21 -12.98 5.65
C TRP A 190 -6.94 -13.65 6.09
N ARG A 191 -7.05 -14.81 6.77
CA ARG A 191 -5.86 -15.53 7.22
C ARG A 191 -5.27 -16.27 6.04
N ILE A 192 -3.97 -16.15 5.82
CA ILE A 192 -3.32 -16.86 4.73
C ILE A 192 -2.32 -17.89 5.28
N ASN A 193 -2.43 -18.23 6.57
CA ASN A 193 -1.61 -19.27 7.20
C ASN A 193 -2.53 -20.47 7.53
N SER A 194 -3.74 -20.51 6.94
CA SER A 194 -4.63 -21.67 7.05
C SER A 194 -3.97 -22.84 6.34
N LYS A 195 -4.39 -24.09 6.62
CA LYS A 195 -3.80 -25.24 5.91
C LYS A 195 -4.09 -25.12 4.40
N ARG A 196 -5.30 -24.66 4.03
CA ARG A 196 -5.72 -24.47 2.63
C ARG A 196 -4.81 -23.44 1.90
N MET A 197 -4.54 -22.31 2.55
CA MET A 197 -3.73 -21.25 1.93
C MET A 197 -2.24 -21.61 1.92
N MET A 198 -1.72 -22.26 2.98
CA MET A 198 -0.31 -22.70 2.95
C MET A 198 -0.14 -23.72 1.84
N ASN A 199 -1.11 -24.63 1.69
CA ASN A 199 -1.00 -25.63 0.61
C ASN A 199 -1.09 -24.97 -0.76
N ALA A 200 -1.99 -23.99 -0.94
CA ALA A 200 -2.12 -23.26 -2.22
C ALA A 200 -0.80 -22.57 -2.57
N ILE A 201 -0.17 -21.90 -1.59
CA ILE A 201 1.11 -21.22 -1.86
C ILE A 201 2.20 -22.27 -2.29
N LYS A 202 2.31 -23.38 -1.55
CA LYS A 202 3.30 -24.43 -1.89
C LYS A 202 3.08 -24.95 -3.31
N GLU A 203 1.81 -25.25 -3.65
CA GLU A 203 1.48 -25.73 -4.98
C GLU A 203 1.79 -24.68 -6.04
N SER A 204 1.61 -23.36 -5.75
CA SER A 204 1.92 -22.33 -6.76
C SER A 204 3.40 -22.34 -7.07
N TYR A 205 4.23 -22.67 -6.10
CA TYR A 205 5.68 -22.73 -6.32
C TYR A 205 6.06 -23.99 -7.10
N ASP A 206 5.30 -25.07 -6.91
CA ASP A 206 5.56 -26.34 -7.62
C ASP A 206 5.01 -26.35 -9.04
N TYR A 207 4.29 -25.29 -9.44
CA TYR A 207 3.64 -25.25 -10.75
C TYR A 207 4.55 -24.78 -11.86
N ASN A 208 4.68 -25.61 -12.89
CA ASN A 208 5.43 -25.28 -14.09
C ASN A 208 4.56 -25.74 -15.25
N PRO A 209 3.93 -24.81 -16.01
CA PRO A 209 2.96 -25.25 -17.04
C PRO A 209 3.63 -26.06 -18.16
N ASN A 210 4.96 -25.92 -18.32
CA ASN A 210 5.71 -26.69 -19.30
C ASN A 210 5.83 -28.16 -18.91
N LYS A 211 5.71 -28.47 -17.60
CA LYS A 211 5.90 -29.83 -17.08
C LYS A 211 4.62 -30.52 -16.63
N THR A 212 3.45 -29.97 -16.98
CA THR A 212 2.16 -30.55 -16.58
C THR A 212 1.09 -30.21 -17.60
N ASN A 213 -0.08 -30.86 -17.47
CA ASN A 213 -1.26 -30.66 -18.32
C ASN A 213 -2.32 -29.87 -17.61
N ARG A 214 -2.28 -29.85 -16.28
CA ARG A 214 -3.29 -29.16 -15.48
C ARG A 214 -3.13 -27.65 -15.55
N PRO A 215 -4.26 -26.90 -15.48
CA PRO A 215 -4.15 -25.45 -15.24
C PRO A 215 -3.83 -25.28 -13.75
N PHE A 216 -3.34 -24.12 -13.33
CA PHE A 216 -3.10 -23.95 -11.91
C PHE A 216 -4.46 -23.65 -11.27
N ILE A 217 -4.88 -24.42 -10.27
CA ILE A 217 -6.19 -24.16 -9.67
C ILE A 217 -6.04 -23.05 -8.61
N SER A 218 -6.65 -21.90 -8.88
CA SER A 218 -6.66 -20.78 -7.90
C SER A 218 -7.66 -21.05 -6.78
N GLN A 219 -7.35 -20.68 -5.52
CA GLN A 219 -8.35 -20.79 -4.45
C GLN A 219 -9.36 -19.66 -4.60
N LYS A 220 -10.61 -19.91 -4.27
CA LYS A 220 -11.56 -18.82 -4.19
C LYS A 220 -12.04 -18.83 -2.75
N ILE A 221 -11.60 -17.83 -1.99
CA ILE A 221 -11.89 -17.69 -0.57
C ILE A 221 -13.07 -16.77 -0.44
N HIS A 222 -14.25 -17.33 -0.14
CA HIS A 222 -15.50 -16.54 -0.10
C HIS A 222 -15.80 -15.95 1.27
N PHE A 223 -15.13 -16.43 2.32
CA PHE A 223 -15.43 -16.01 3.69
C PHE A 223 -14.24 -15.45 4.43
N PRO A 224 -14.33 -14.18 4.87
CA PRO A 224 -13.25 -13.62 5.72
C PRO A 224 -13.29 -14.21 7.12
N ASP A 225 -12.17 -14.09 7.83
CA ASP A 225 -12.01 -14.60 9.19
C ASP A 225 -12.50 -13.61 10.23
N PHE A 226 -12.91 -12.39 9.79
CA PHE A 226 -13.41 -11.32 10.67
C PHE A 226 -13.89 -10.19 9.79
N SER A 227 -14.95 -9.50 10.21
CA SER A 227 -15.44 -8.37 9.43
C SER A 227 -16.08 -7.36 10.36
N THR A 228 -15.89 -6.07 10.09
CA THR A 228 -16.54 -5.01 10.87
C THR A 228 -16.88 -3.86 9.98
N ARG A 229 -18.01 -3.22 10.29
CA ARG A 229 -18.40 -1.96 9.65
C ARG A 229 -18.58 -0.91 10.76
N ASP A 230 -18.03 -1.17 11.95
CA ASP A 230 -18.25 -0.33 13.13
C ASP A 230 -17.16 0.68 13.41
N ILE A 231 -16.18 0.83 12.53
CA ILE A 231 -15.09 1.77 12.79
C ILE A 231 -15.36 3.11 12.12
N HIS A 232 -15.72 3.09 10.83
CA HIS A 232 -15.94 4.30 10.04
C HIS A 232 -17.38 4.35 9.53
N ARG A 233 -17.85 5.51 9.06
CA ARG A 233 -19.23 5.63 8.55
C ARG A 233 -19.20 6.07 7.08
N ASN A 234 -18.08 5.79 6.38
CA ASN A 234 -17.92 6.15 4.97
C ASN A 234 -16.86 5.22 4.34
N TYR A 235 -16.47 5.46 3.06
CA TYR A 235 -15.47 4.64 2.36
C TYR A 235 -14.19 4.55 3.20
N VAL A 236 -13.69 3.33 3.41
CA VAL A 236 -12.43 3.13 4.15
C VAL A 236 -11.34 3.04 3.07
N ASP A 237 -10.50 4.05 2.96
CA ASP A 237 -9.59 4.12 1.82
C ASP A 237 -8.12 3.85 2.15
N CYS A 238 -7.79 3.51 3.40
CA CYS A 238 -6.40 3.16 3.76
C CYS A 238 -6.39 2.36 5.05
N VAL A 239 -5.61 1.26 5.06
CA VAL A 239 -5.48 0.39 6.24
C VAL A 239 -4.03 -0.05 6.34
N ARG A 240 -3.52 -0.14 7.59
CA ARG A 240 -2.16 -0.63 7.91
CA ARG A 240 -2.17 -0.65 7.86
C ARG A 240 -2.16 -1.36 9.20
N TRP A 241 -1.41 -2.45 9.31
CA TRP A 241 -1.30 -3.10 10.59
C TRP A 241 -0.27 -2.33 11.44
N LEU A 242 -0.47 -2.28 12.75
CA LEU A 242 0.51 -1.73 13.70
C LEU A 242 0.66 -2.83 14.74
N GLY A 243 1.48 -3.85 14.44
CA GLY A 243 1.56 -5.05 15.28
C GLY A 243 0.26 -5.83 15.16
N ASP A 244 -0.41 -6.11 16.28
CA ASP A 244 -1.70 -6.82 16.27
C ASP A 244 -2.87 -5.83 16.16
N LEU A 245 -2.58 -4.52 16.14
CA LEU A 245 -3.60 -3.46 16.01
C LEU A 245 -3.72 -3.00 14.58
N ILE A 246 -4.80 -2.30 14.28
CA ILE A 246 -5.04 -1.78 12.94
C ILE A 246 -5.13 -0.30 12.97
N LEU A 247 -4.59 0.37 11.93
CA LEU A 247 -4.79 1.79 11.68
C LEU A 247 -5.63 1.87 10.43
N SER A 248 -6.73 2.63 10.44
CA SER A 248 -7.51 2.78 9.20
C SER A 248 -8.16 4.15 9.18
N LYS A 249 -8.43 4.66 7.99
CA LYS A 249 -9.05 5.97 7.86
C LYS A 249 -10.14 5.94 6.84
N SER A 250 -11.03 6.90 6.98
CA SER A 250 -12.10 7.18 6.04
C SER A 250 -11.89 8.65 5.63
N CYS A 251 -12.94 9.35 5.23
CA CYS A 251 -12.80 10.76 4.82
C CYS A 251 -13.40 11.62 5.92
N GLU A 252 -13.32 11.16 7.18
CA GLU A 252 -13.90 11.80 8.36
C GLU A 252 -12.84 12.50 9.22
N ASN A 253 -11.69 12.87 8.61
CA ASN A 253 -10.62 13.61 9.27
C ASN A 253 -10.07 12.86 10.49
N ALA A 254 -9.94 11.54 10.36
CA ALA A 254 -9.46 10.74 11.47
C ALA A 254 -8.85 9.42 11.02
N ILE A 255 -7.76 9.04 11.67
CA ILE A 255 -7.17 7.70 11.58
C ILE A 255 -7.55 7.02 12.89
N VAL A 256 -8.26 5.93 12.81
CA VAL A 256 -8.66 5.17 14.01
C VAL A 256 -7.71 4.03 14.26
N CYS A 257 -7.29 3.86 15.51
CA CYS A 257 -6.48 2.72 15.91
C CYS A 257 -7.38 1.77 16.67
N TRP A 258 -7.54 0.56 16.15
CA TRP A 258 -8.49 -0.37 16.74
C TRP A 258 -8.02 -1.83 16.65
N LYS A 259 -8.79 -2.71 17.27
CA LYS A 259 -8.52 -4.14 17.18
C LYS A 259 -9.81 -4.91 17.18
N PRO A 260 -9.83 -6.08 16.49
CA PRO A 260 -11.02 -6.94 16.55
C PRO A 260 -11.17 -7.46 17.97
N GLY A 261 -12.40 -7.74 18.36
CA GLY A 261 -12.67 -8.28 19.69
C GLY A 261 -12.57 -7.29 20.82
N LYS A 262 -12.59 -7.82 22.03
CA LYS A 262 -12.50 -7.03 23.26
C LYS A 262 -11.03 -6.72 23.57
N MET A 263 -10.79 -5.83 24.53
CA MET A 263 -9.46 -5.34 24.88
C MET A 263 -8.43 -6.47 25.01
N GLU A 264 -8.76 -7.57 25.70
CA GLU A 264 -7.78 -8.62 25.97
C GLU A 264 -7.89 -9.83 25.02
N ASP A 265 -8.64 -9.71 23.91
CA ASP A 265 -8.77 -10.82 22.95
C ASP A 265 -7.55 -10.87 22.04
N ASP A 266 -6.91 -12.03 21.96
CA ASP A 266 -5.77 -12.22 21.06
C ASP A 266 -6.31 -12.31 19.64
N ILE A 267 -5.64 -11.63 18.69
CA ILE A 267 -6.02 -11.60 17.25
C ILE A 267 -6.13 -13.01 16.65
N ASP A 268 -5.28 -13.95 17.08
CA ASP A 268 -5.31 -15.31 16.55
C ASP A 268 -6.39 -16.19 17.22
N LYS A 269 -7.12 -15.65 18.20
CA LYS A 269 -8.22 -16.40 18.83
C LYS A 269 -9.57 -15.86 18.33
N ILE A 270 -9.54 -14.76 17.54
CA ILE A 270 -10.74 -14.12 16.98
C ILE A 270 -11.41 -15.12 16.02
N LYS A 271 -12.71 -15.32 16.18
CA LYS A 271 -13.48 -16.22 15.33
C LYS A 271 -14.25 -15.39 14.27
N PRO A 272 -14.62 -15.96 13.11
CA PRO A 272 -15.34 -15.18 12.09
C PRO A 272 -16.65 -14.53 12.55
N SER A 273 -17.29 -15.06 13.62
CA SER A 273 -18.55 -14.52 14.11
C SER A 273 -18.34 -13.33 15.07
N GLU A 274 -17.06 -13.02 15.48
CA GLU A 274 -16.73 -11.91 16.39
C GLU A 274 -17.50 -10.65 16.03
N SER A 275 -18.27 -10.13 17.00
CA SER A 275 -19.10 -8.95 16.73
C SER A 275 -18.56 -7.68 17.38
N ASN A 276 -17.53 -7.76 18.22
CA ASN A 276 -16.99 -6.57 18.87
C ASN A 276 -15.70 -6.08 18.27
N VAL A 277 -15.42 -4.78 18.50
CA VAL A 277 -14.18 -4.11 18.18
C VAL A 277 -13.80 -3.29 19.40
N THR A 278 -12.52 -2.95 19.55
CA THR A 278 -12.03 -2.09 20.62
C THR A 278 -11.30 -0.95 19.97
N ILE A 279 -11.63 0.28 20.35
CA ILE A 279 -10.92 1.46 19.82
C ILE A 279 -9.89 1.89 20.85
N LEU A 280 -8.63 1.93 20.42
CA LEU A 280 -7.50 2.26 21.29
C LEU A 280 -7.10 3.72 21.16
N GLY A 281 -7.66 4.41 20.20
CA GLY A 281 -7.31 5.81 20.02
C GLY A 281 -7.74 6.32 18.67
N ARG A 282 -7.64 7.63 18.47
CA ARG A 282 -8.00 8.21 17.19
C ARG A 282 -7.18 9.45 16.97
N PHE A 283 -6.56 9.55 15.80
CA PHE A 283 -5.70 10.66 15.43
C PHE A 283 -6.45 11.58 14.52
N ASP A 284 -6.92 12.70 15.06
CA ASP A 284 -7.69 13.65 14.26
C ASP A 284 -6.77 14.66 13.56
N TYR A 285 -7.27 15.22 12.48
CA TYR A 285 -6.57 16.21 11.68
C TYR A 285 -7.61 17.04 10.96
N SER A 286 -7.19 17.94 10.08
CA SER A 286 -8.14 18.81 9.41
C SER A 286 -8.01 18.77 7.92
N GLN A 287 -9.10 19.16 7.23
CA GLN A 287 -9.16 19.35 5.78
C GLN A 287 -8.62 18.14 4.98
N CYS A 288 -9.09 16.94 5.28
CA CYS A 288 -8.71 15.71 4.56
C CYS A 288 -9.95 14.88 4.50
N ASP A 289 -11.00 15.50 3.94
CA ASP A 289 -12.31 14.86 3.90
C ASP A 289 -12.76 14.48 2.48
N ILE A 290 -11.78 14.30 1.58
CA ILE A 290 -12.00 13.85 0.20
C ILE A 290 -11.54 12.39 0.14
N TRP A 291 -12.17 11.58 -0.73
CA TRP A 291 -11.79 10.18 -0.88
C TRP A 291 -10.43 10.09 -1.58
N TYR A 292 -9.69 8.99 -1.32
CA TYR A 292 -8.43 8.66 -1.96
C TYR A 292 -7.26 9.47 -1.42
N MET A 293 -6.95 9.30 -0.14
CA MET A 293 -5.82 9.96 0.55
C MET A 293 -5.18 8.87 1.38
N ARG A 294 -3.87 8.63 1.22
CA ARG A 294 -3.19 7.56 1.91
CA ARG A 294 -3.19 7.55 1.92
C ARG A 294 -2.30 8.01 3.03
N PHE A 295 -2.22 7.21 4.10
CA PHE A 295 -1.25 7.47 5.17
C PHE A 295 -0.18 6.39 5.02
N SER A 296 0.99 6.61 5.61
CA SER A 296 2.09 5.65 5.53
CA SER A 296 2.07 5.63 5.53
C SER A 296 2.83 5.60 6.84
N THR A 297 3.51 4.49 7.11
CA THR A 297 4.38 4.41 8.28
C THR A 297 5.81 4.25 7.73
N ASP A 298 6.81 4.52 8.56
CA ASP A 298 8.19 4.28 8.14
C ASP A 298 8.48 2.78 8.35
N PHE A 299 9.69 2.37 8.01
CA PHE A 299 10.11 0.96 8.09
C PHE A 299 9.92 0.37 9.47
N TRP A 300 10.45 1.06 10.49
CA TRP A 300 10.38 0.54 11.87
C TRP A 300 9.02 0.79 12.54
N GLN A 301 8.11 1.55 11.90
CA GLN A 301 6.78 1.90 12.45
C GLN A 301 6.91 2.76 13.72
N LYS A 302 7.93 3.61 13.71
CA LYS A 302 8.12 4.61 14.77
C LYS A 302 7.30 5.85 14.40
N MET A 303 6.96 6.01 13.10
CA MET A 303 6.26 7.23 12.65
C MET A 303 5.15 6.93 11.68
N LEU A 304 4.16 7.83 11.65
CA LEU A 304 2.98 7.76 10.78
C LEU A 304 2.86 9.08 10.08
N ALA A 305 2.62 9.11 8.76
CA ALA A 305 2.45 10.37 8.05
C ALA A 305 1.23 10.39 7.16
N LEU A 306 0.56 11.56 7.07
CA LEU A 306 -0.59 11.78 6.20
C LEU A 306 -0.60 13.23 5.74
N GLY A 307 -0.86 13.46 4.47
CA GLY A 307 -1.01 14.81 3.94
C GLY A 307 -2.49 15.12 3.83
N ASN A 308 -2.86 16.41 3.82
CA ASN A 308 -4.26 16.77 3.73
C ASN A 308 -4.57 17.43 2.37
N GLN A 309 -5.82 17.87 2.13
CA GLN A 309 -6.20 18.35 0.80
C GLN A 309 -5.73 19.78 0.51
N VAL A 310 -5.05 20.44 1.46
CA VAL A 310 -4.53 21.79 1.26
C VAL A 310 -3.00 21.85 1.44
N GLY A 311 -2.33 20.71 1.33
CA GLY A 311 -0.87 20.63 1.36
C GLY A 311 -0.17 20.63 2.69
N LYS A 312 -0.90 20.33 3.77
CA LYS A 312 -0.30 20.23 5.08
C LYS A 312 0.02 18.76 5.36
N LEU A 313 1.16 18.48 5.99
CA LEU A 313 1.58 17.14 6.41
C LEU A 313 1.47 16.98 7.91
N TYR A 314 0.91 15.84 8.36
CA TYR A 314 0.83 15.47 9.76
C TYR A 314 1.72 14.27 9.98
N VAL A 315 2.57 14.32 10.99
CA VAL A 315 3.50 13.23 11.30
C VAL A 315 3.30 12.90 12.73
N TRP A 316 2.99 11.63 13.04
CA TRP A 316 2.80 11.19 14.42
C TRP A 316 3.92 10.29 14.83
N ASP A 317 4.47 10.55 16.02
CA ASP A 317 5.49 9.77 16.70
C ASP A 317 4.77 8.66 17.46
N LEU A 318 4.93 7.40 17.00
CA LEU A 318 4.27 6.24 17.59
C LEU A 318 5.12 5.57 18.68
N GLU A 319 6.30 6.12 19.00
CA GLU A 319 7.21 5.59 20.01
C GLU A 319 6.76 6.04 21.41
N VAL A 320 5.59 5.58 21.82
CA VAL A 320 4.95 5.91 23.10
C VAL A 320 4.34 4.62 23.64
N GLU A 321 4.01 4.56 24.93
CA GLU A 321 3.49 3.34 25.59
C GLU A 321 2.15 2.82 25.03
N ASP A 322 1.23 3.71 24.62
CA ASP A 322 -0.07 3.32 24.12
C ASP A 322 -0.40 4.12 22.88
N PRO A 323 -1.23 3.61 21.96
CA PRO A 323 -1.46 4.36 20.70
C PRO A 323 -2.04 5.76 20.87
N HIS A 324 -2.95 5.96 21.85
CA HIS A 324 -3.60 7.28 22.02
C HIS A 324 -2.60 8.37 22.52
N LYS A 325 -1.39 7.99 22.93
CA LYS A 325 -0.38 8.95 23.40
C LYS A 325 0.52 9.46 22.27
N ALA A 326 0.27 9.03 21.01
CA ALA A 326 1.06 9.45 19.85
C ALA A 326 1.22 10.96 19.81
N LYS A 327 2.44 11.43 19.51
CA LYS A 327 2.78 12.87 19.46
C LYS A 327 2.80 13.36 18.02
N CYS A 328 2.05 14.43 17.77
CA CYS A 328 1.89 14.97 16.44
C CYS A 328 2.77 16.20 16.15
N THR A 329 3.34 16.22 14.95
CA THR A 329 4.14 17.30 14.36
C THR A 329 3.44 17.68 13.07
N THR A 330 3.35 18.98 12.74
CA THR A 330 2.75 19.37 11.46
C THR A 330 3.82 20.07 10.62
N LEU A 331 3.78 19.85 9.32
CA LEU A 331 4.76 20.41 8.39
C LEU A 331 4.06 21.13 7.29
N THR A 332 4.39 22.43 7.12
CA THR A 332 3.79 23.25 6.08
C THR A 332 4.87 24.03 5.33
N HIS A 333 4.55 24.41 4.11
CA HIS A 333 5.38 25.27 3.24
C HIS A 333 4.42 26.16 2.48
N HIS A 334 4.70 27.48 2.42
CA HIS A 334 3.80 28.45 1.78
C HIS A 334 3.52 28.15 0.29
N LYS A 335 4.44 27.44 -0.40
CA LYS A 335 4.26 27.10 -1.81
C LYS A 335 3.58 25.74 -2.01
N CYS A 336 3.35 24.97 -0.92
CA CYS A 336 2.72 23.64 -1.02
C CYS A 336 1.22 23.74 -0.61
N GLY A 337 0.33 23.92 -1.59
CA GLY A 337 -1.10 24.08 -1.34
C GLY A 337 -2.04 23.10 -2.00
N ALA A 338 -1.52 22.09 -2.75
CA ALA A 338 -2.34 21.07 -3.40
C ALA A 338 -2.50 19.82 -2.50
N ALA A 339 -3.54 19.01 -2.77
CA ALA A 339 -3.84 17.80 -1.96
C ALA A 339 -2.67 16.82 -2.00
N ILE A 340 -2.21 16.35 -0.83
CA ILE A 340 -1.12 15.38 -0.74
C ILE A 340 -1.77 13.99 -0.74
N ARG A 341 -1.62 13.22 -1.82
CA ARG A 341 -2.28 11.91 -1.97
C ARG A 341 -1.56 10.79 -1.25
N GLN A 342 -0.22 10.83 -1.21
CA GLN A 342 0.57 9.81 -0.53
C GLN A 342 1.92 10.36 -0.15
N THR A 343 2.50 9.78 0.91
CA THR A 343 3.81 10.09 1.42
C THR A 343 4.64 8.82 1.50
N SER A 344 5.95 8.96 1.61
CA SER A 344 6.83 7.80 1.77
C SER A 344 8.08 8.22 2.51
N PHE A 345 8.44 7.46 3.54
CA PHE A 345 9.69 7.64 4.27
C PHE A 345 10.78 6.80 3.66
N SER A 346 12.03 7.28 3.68
CA SER A 346 13.16 6.45 3.29
C SER A 346 13.31 5.36 4.37
N ARG A 347 14.01 4.26 4.06
CA ARG A 347 14.14 3.15 5.02
C ARG A 347 14.62 3.63 6.42
N ASP A 348 15.60 4.54 6.46
CA ASP A 348 16.17 5.10 7.72
C ASP A 348 15.35 6.27 8.30
N SER A 349 14.27 6.66 7.61
CA SER A 349 13.35 7.77 7.94
C SER A 349 14.05 9.15 7.92
N SER A 350 15.20 9.27 7.25
CA SER A 350 15.90 10.55 7.16
C SER A 350 15.20 11.49 6.14
N ILE A 351 14.41 10.91 5.21
CA ILE A 351 13.71 11.69 4.19
C ILE A 351 12.24 11.29 4.16
N LEU A 352 11.37 12.28 3.99
CA LEU A 352 9.94 12.07 3.78
C LEU A 352 9.56 12.77 2.48
N ILE A 353 8.99 12.04 1.53
CA ILE A 353 8.54 12.59 0.26
C ILE A 353 7.02 12.63 0.27
N ALA A 354 6.43 13.75 -0.19
CA ALA A 354 4.98 13.95 -0.34
C ALA A 354 4.68 14.22 -1.81
N VAL A 355 3.63 13.63 -2.38
CA VAL A 355 3.28 13.87 -3.80
C VAL A 355 1.87 14.43 -3.85
N CYS A 356 1.61 15.35 -4.81
CA CYS A 356 0.39 16.17 -4.83
C CYS A 356 -0.41 16.09 -6.13
N ASP A 357 -1.65 16.58 -6.02
CA ASP A 357 -2.63 16.66 -7.12
C ASP A 357 -2.20 17.54 -8.28
N ASP A 358 -1.28 18.46 -8.04
CA ASP A 358 -0.77 19.33 -9.11
C ASP A 358 0.54 18.78 -9.71
N ALA A 359 0.84 17.47 -9.46
CA ALA A 359 2.01 16.77 -9.98
C ALA A 359 3.32 17.16 -9.29
N SER A 360 3.25 17.82 -8.11
CA SER A 360 4.45 18.23 -7.41
C SER A 360 4.90 17.17 -6.42
N ILE A 361 6.21 17.20 -6.14
CA ILE A 361 6.94 16.31 -5.25
C ILE A 361 7.64 17.17 -4.24
N TRP A 362 7.46 16.87 -2.94
CA TRP A 362 8.04 17.65 -1.86
C TRP A 362 8.94 16.80 -1.04
N ARG A 363 10.17 17.27 -0.80
CA ARG A 363 11.17 16.53 -0.02
C ARG A 363 11.45 17.19 1.32
N TRP A 364 11.28 16.41 2.38
CA TRP A 364 11.49 16.85 3.75
C TRP A 364 12.62 16.02 4.34
N ASP A 365 13.68 16.68 4.82
CA ASP A 365 14.83 15.98 5.42
C ASP A 365 14.84 16.15 6.92
N ARG A 366 15.14 15.07 7.63
CA ARG A 366 15.17 15.05 9.10
C ARG A 366 16.45 15.68 9.65
C16 Q3A B . -6.98 4.27 -3.25
C12 Q3A B . -4.25 8.04 -3.12
C11 Q3A B . -4.65 7.15 -4.27
C10 Q3A B . -5.51 6.11 -3.61
C15 Q3A B . -7.13 4.59 -1.92
C14 Q3A B . -6.46 5.70 -1.42
C13 Q3A B . -5.67 6.44 -2.28
C6 Q3A B . -7.22 8.05 -7.31
C9 Q3A B . -6.18 4.97 -4.12
C1 Q3A B . -9.01 11.71 -10.34
C2 Q3A B . -8.64 10.54 -11.01
C7 Q3A B . -7.57 5.78 -6.92
C3 Q3A B . -8.43 9.39 -10.27
C4 Q3A B . -8.59 9.39 -8.89
C5 Q3A B . -8.33 8.16 -8.12
O2 Q3A B . -12.79 6.85 -9.61
S Q3A B . -11.60 7.62 -9.72
O1 Q3A B . -11.60 8.96 -9.20
C20 Q3A B . -11.14 7.66 -11.41
C18 Q3A B . -10.36 6.68 -8.88
C17 Q3A B . -9.15 7.00 -8.30
C21 Q3A B . -8.96 10.63 -8.28
C22 Q3A B . -9.19 10.78 -6.81
N4 Q3A B . -9.14 11.74 -9.02
C Q3A B . -9.32 12.97 -11.09
N3 Q3A B . -10.65 5.35 -8.66
C19 Q3A B . -9.67 4.86 -7.96
N2 Q3A B . -8.73 5.80 -7.67
N Q3A B . -6.85 6.88 -6.73
N1 Q3A B . -7.14 4.62 -6.35
C8 Q3A B . -5.92 4.53 -5.56
F Q3A B . -7.71 3.25 -3.75
O Q3A B . -4.96 7.58 -1.94
H12 Q3A B . -3.19 7.97 -2.86
H11 Q3A B . -4.48 9.08 -3.27
H10 Q3A B . -3.78 6.71 -4.76
H9 Q3A B . -5.18 7.70 -5.04
H14 Q3A B . -7.77 3.99 -1.27
H13 Q3A B . -6.56 5.99 -0.37
H5 Q3A B . -6.63 8.90 -6.99
H3 Q3A B . -8.54 10.53 -12.09
H4 Q3A B . -8.09 8.48 -10.78
H18 Q3A B . -10.20 8.18 -11.65
H17 Q3A B . -10.99 6.68 -11.86
H16 Q3A B . -11.87 8.15 -12.05
H21 Q3A B . -10.16 10.35 -6.54
H20 Q3A B . -8.41 10.30 -6.22
H19 Q3A B . -9.22 11.82 -6.49
H1 Q3A B . -10.16 12.86 -11.78
H2 Q3A B . -8.47 13.29 -11.69
H Q3A B . -9.57 13.79 -10.41
H15 Q3A B . -9.66 3.81 -7.64
H6 Q3A B . -7.66 3.76 -6.48
H7 Q3A B . -5.15 5.13 -6.02
H8 Q3A B . -5.56 3.51 -5.59
C16 Q3A C . 5.86 -16.42 4.47
C12 Q3A C . 1.48 -17.48 5.60
C11 Q3A C . 2.15 -17.42 4.25
C10 Q3A C . 3.57 -17.05 4.61
C15 Q3A C . 5.99 -16.42 5.84
C14 Q3A C . 4.89 -16.72 6.62
C13 Q3A C . 3.70 -17.05 5.99
C6 Q3A C . 4.16 -20.75 2.83
C9 Q3A C . 4.68 -16.72 3.80
C1 Q3A C . 4.40 -25.70 3.62
C2 Q3A C . 3.42 -25.08 2.84
C7 Q3A C . 5.28 -18.99 1.79
C3 Q3A C . 3.64 -23.80 2.37
C4 Q3A C . 4.84 -23.13 2.71
C5 Q3A C . 4.98 -21.71 2.29
O2 Q3A C . 6.28 -24.38 0.52
S Q3A C . 7.29 -23.51 0.00
O1 Q3A C . 7.45 -23.44 -1.42
C20 Q3A C . 8.83 -23.96 0.71
C18 Q3A C . 6.96 -21.84 0.51
C17 Q3A C . 6.01 -21.29 1.35
C21 Q3A C . 5.78 -23.82 3.50
C22 Q3A C . 7.08 -23.23 3.94
N4 Q3A C . 5.54 -25.07 3.94
C Q3A C . 4.26 -27.13 4.06
N3 Q3A C . 7.69 -20.85 -0.13
C19 Q3A C . 7.19 -19.72 0.27
N2 Q3A C . 6.17 -19.90 1.14
N Q3A C . 4.31 -19.43 2.57
N1 Q3A C . 5.44 -17.66 1.65
C8 Q3A C . 4.55 -16.70 2.30
F Q3A C . 6.92 -16.08 3.71
O Q3A C . 2.53 -17.43 6.61
H12 Q3A C . 0.82 -16.64 5.83
H11 Q3A C . 0.92 -18.39 5.76
H10 Q3A C . 1.69 -16.66 3.62
H9 Q3A C . 2.10 -18.36 3.71
H14 Q3A C . 6.96 -16.21 6.29
H13 Q3A C . 4.95 -16.72 7.71
H5 Q3A C . 3.29 -20.99 3.45
H3 Q3A C . 2.49 -25.58 2.61
H4 Q3A C . 2.92 -23.28 1.74
H18 Q3A C . 9.65 -23.27 0.50
H17 Q3A C . 8.83 -24.05 1.79
H16 Q3A C . 9.20 -24.92 0.36
H21 Q3A C . 7.57 -22.68 3.14
H20 Q3A C . 6.92 -22.53 4.77
H19 Q3A C . 7.79 -23.97 4.31
H1 Q3A C . 4.22 -27.82 3.22
H2 Q3A C . 3.35 -27.27 4.64
H Q3A C . 5.10 -27.44 4.69
H15 Q3A C . 7.61 -18.76 -0.03
H6 Q3A C . 6.21 -17.28 1.11
H7 Q3A C . 3.53 -16.93 2.01
H8 Q3A C . 4.74 -15.71 1.91
C6 Q3A D . -18.22 -13.14 -11.01
C1 Q3A D . -20.31 -14.12 -6.53
C2 Q3A D . -19.55 -15.07 -7.20
C7 Q3A D . -16.37 -12.13 -11.96
C3 Q3A D . -18.73 -14.66 -8.23
C4 Q3A D . -18.65 -13.31 -8.58
C5 Q3A D . -17.80 -12.92 -9.73
O2 Q3A D . -15.94 -10.72 -6.10
S Q3A D . -15.82 -12.03 -6.67
O1 Q3A D . -16.81 -13.01 -6.32
C20 Q3A D . -14.25 -12.68 -6.28
C18 Q3A D . -15.72 -11.87 -8.44
C17 Q3A D . -16.53 -12.25 -9.49
C21 Q3A D . -19.44 -12.40 -7.84
C22 Q3A D . -19.35 -10.90 -8.00
N4 Q3A D . -20.25 -12.81 -6.85
C Q3A D . -21.25 -14.49 -5.42
N3 Q3A D . -14.56 -11.24 -8.92
C19 Q3A D . -14.66 -11.25 -10.23
N2 Q3A D . -15.83 -11.85 -10.64
N Q3A D . -17.53 -12.75 -12.13
N1 Q3A D . -15.70 -11.73 -13.05
H5 Q3A D . -19.16 -13.65 -11.25
H3 Q3A D . -19.61 -16.11 -6.92
H4 Q3A D . -18.11 -15.39 -8.75
H18 Q3A D . -13.85 -13.34 -7.04
H17 Q3A D . -13.46 -11.93 -6.19
H16 Q3A D . -14.18 -13.24 -5.36
H21 Q3A D . -18.36 -10.55 -7.73
H20 Q3A D . -19.53 -10.63 -9.04
H19 Q3A D . -20.07 -10.36 -7.38
H1 Q3A D . -20.76 -15.15 -4.73
H2 Q3A D . -22.13 -15.01 -5.80
H Q3A D . -21.59 -13.62 -4.87
H15 Q3A D . -13.92 -10.83 -10.90
NA NA E . 5.08 -6.24 -20.33
C FMT F . 10.65 -12.88 -11.52
O1 FMT F . 10.01 -12.84 -10.49
O2 FMT F . 10.37 -11.86 -12.39
#